data_7S59
#
_entry.id   7S59
#
_cell.length_a   126.240
_cell.length_b   62.718
_cell.length_c   53.966
_cell.angle_alpha   90.000
_cell.angle_beta   93.933
_cell.angle_gamma   90.000
#
_symmetry.space_group_name_H-M   'C 1 2 1'
#
loop_
_entity.id
_entity.type
_entity.pdbx_description
1 polymer 'Evasin P974'
2 polymer 'chimera protein of C-C motif chemokine 7 and C-C motif chemokine 8,C-C motif chemokine 7'
3 non-polymer 'SULFATE ION'
4 water water
#
loop_
_entity_poly.entity_id
_entity_poly.type
_entity_poly.pdbx_seq_one_letter_code
_entity_poly.pdbx_strand_id
1 'polypeptide(L)'
;DYDYGTDTCPFPVLANKTNKAKFVGCHQKCNGGDQKLTDGTACYVVERKVWDRMTPMLWYECPLGECKNGVCEDLRKKED
CRKGN
;
1,3
2 'polypeptide(L)' QPDSVSIPITCCFNVINKKIPKQRLESYRRTTSSHCPREAVIFKTKLDKEICADPTQKWVQDFMKHLDKKTQTPKL 4,2
#
# COMPACT_ATOMS: atom_id res chain seq x y z
N ASP A 3 4.73 -5.16 19.83
CA ASP A 3 5.53 -6.38 20.03
C ASP A 3 6.79 -6.33 19.17
N TYR A 4 6.65 -5.93 17.90
CA TYR A 4 7.80 -5.73 17.04
C TYR A 4 8.40 -4.34 17.18
N GLY A 5 8.01 -3.60 18.22
CA GLY A 5 8.47 -2.23 18.36
C GLY A 5 7.69 -1.33 17.43
N THR A 6 7.51 -0.07 17.83
CA THR A 6 6.75 0.85 17.00
C THR A 6 7.66 1.67 16.08
N ASP A 7 8.94 1.35 16.02
CA ASP A 7 9.90 2.17 15.29
C ASP A 7 10.91 1.34 14.49
N THR A 8 10.57 0.10 14.15
CA THR A 8 11.47 -0.80 13.46
C THR A 8 11.01 -1.08 12.04
N CYS A 9 10.13 -0.26 11.51
CA CYS A 9 9.76 -0.47 10.12
C CYS A 9 10.76 0.21 9.19
N PRO A 10 10.99 -0.38 8.02
CA PRO A 10 11.78 0.33 7.01
C PRO A 10 11.06 1.59 6.59
N PHE A 11 11.85 2.60 6.23
CA PHE A 11 11.39 3.97 6.05
C PHE A 11 11.66 4.41 4.63
N PRO A 12 10.70 5.06 3.96
CA PRO A 12 10.90 5.45 2.56
C PRO A 12 12.09 6.39 2.39
N VAL A 13 12.82 6.22 1.27
CA VAL A 13 13.95 7.09 0.95
C VAL A 13 13.88 7.55 -0.49
N LEU A 14 14.81 8.45 -0.81
CA LEU A 14 15.15 8.86 -2.17
C LEU A 14 16.66 9.03 -2.24
N ALA A 15 17.21 9.06 -3.45
CA ALA A 15 18.67 9.18 -3.55
C ALA A 15 19.07 10.19 -4.61
N ASN A 16 20.14 10.92 -4.34
CA ASN A 16 20.65 11.93 -5.26
C ASN A 16 21.73 11.31 -6.14
N LYS A 17 22.50 12.15 -6.86
CA LYS A 17 23.45 11.65 -7.87
C LYS A 17 24.56 10.81 -7.27
N THR A 18 24.80 10.90 -5.95
CA THR A 18 25.75 10.03 -5.28
C THR A 18 25.16 8.67 -4.95
N ASN A 19 23.87 8.45 -5.20
CA ASN A 19 23.20 7.19 -4.91
C ASN A 19 23.14 6.87 -3.42
N LYS A 20 23.46 7.82 -2.57
CA LYS A 20 23.30 7.67 -1.14
C LYS A 20 21.92 8.19 -0.76
N ALA A 21 21.21 7.43 0.06
CA ALA A 21 19.80 7.66 0.32
C ALA A 21 19.57 8.63 1.47
N LYS A 22 18.48 9.40 1.36
CA LYS A 22 17.96 10.20 2.45
C LYS A 22 16.47 9.89 2.64
N PHE A 23 16.01 10.08 3.86
CA PHE A 23 14.66 9.67 4.17
C PHE A 23 13.66 10.70 3.65
N VAL A 24 12.44 10.23 3.42
CA VAL A 24 11.37 11.07 2.90
C VAL A 24 10.46 11.39 4.07
N GLY A 25 10.38 12.67 4.42
CA GLY A 25 9.65 13.03 5.62
C GLY A 25 10.36 12.53 6.86
N CYS A 26 9.70 12.71 8.01
CA CYS A 26 10.28 12.39 9.31
C CYS A 26 9.36 11.54 10.19
N HIS A 27 8.23 11.07 9.68
CA HIS A 27 7.31 10.36 10.54
C HIS A 27 6.53 9.37 9.70
N GLN A 28 6.30 8.18 10.25
CA GLN A 28 5.30 7.29 9.66
C GLN A 28 4.67 6.39 10.73
N LYS A 29 3.55 5.78 10.35
CA LYS A 29 2.94 4.75 11.17
C LYS A 29 3.71 3.44 11.01
N CYS A 30 3.93 2.77 12.13
CA CYS A 30 4.72 1.54 12.17
C CYS A 30 4.05 0.64 13.19
N ASN A 31 3.44 -0.44 12.70
CA ASN A 31 2.72 -1.40 13.54
C ASN A 31 1.65 -0.69 14.38
N GLY A 32 1.00 0.30 13.78
CA GLY A 32 -0.01 1.07 14.47
C GLY A 32 0.52 2.05 15.48
N GLY A 33 1.80 2.38 15.41
CA GLY A 33 2.38 3.41 16.26
C GLY A 33 2.99 4.53 15.45
N ASP A 34 3.71 5.44 16.11
CA ASP A 34 4.27 6.63 15.48
C ASP A 34 5.79 6.52 15.48
N GLN A 35 6.34 6.19 14.32
CA GLN A 35 7.78 6.16 14.12
C GLN A 35 8.25 7.57 13.75
N LYS A 36 9.17 8.12 14.53
CA LYS A 36 9.64 9.48 14.36
C LYS A 36 11.17 9.49 14.26
N LEU A 37 11.70 10.12 13.23
CA LEU A 37 13.15 10.16 13.07
C LEU A 37 13.75 11.20 14.00
N THR A 38 15.01 10.98 14.38
CA THR A 38 15.67 11.89 15.31
C THR A 38 15.80 13.26 14.68
N ASP A 39 15.75 14.29 15.52
CA ASP A 39 15.98 15.65 15.05
C ASP A 39 17.38 15.78 14.45
N GLY A 40 17.48 16.59 13.39
CA GLY A 40 18.71 16.84 12.71
C GLY A 40 18.96 15.92 11.54
N THR A 41 18.25 14.80 11.46
CA THR A 41 18.40 13.89 10.34
C THR A 41 18.04 14.60 9.05
N ALA A 42 18.89 14.46 8.05
CA ALA A 42 18.57 15.01 6.74
C ALA A 42 17.35 14.28 6.17
N CYS A 43 16.49 15.04 5.51
CA CYS A 43 15.27 14.49 4.94
C CYS A 43 14.92 15.30 3.71
N TYR A 44 14.07 14.71 2.87
CA TYR A 44 13.47 15.37 1.73
C TYR A 44 12.09 15.85 2.13
N VAL A 45 11.82 17.14 1.91
CA VAL A 45 10.56 17.72 2.34
C VAL A 45 9.46 17.30 1.35
N VAL A 46 9.02 16.05 1.41
CA VAL A 46 8.14 15.50 0.38
C VAL A 46 7.01 14.72 1.04
N GLU A 47 5.80 15.24 0.94
CA GLU A 47 4.59 14.54 1.35
C GLU A 47 4.56 13.12 0.83
N ARG A 48 4.03 12.19 1.64
CA ARG A 48 4.23 10.78 1.31
C ARG A 48 3.39 10.32 0.13
N LYS A 49 2.18 10.84 -0.01
CA LYS A 49 1.39 10.42 -1.17
C LYS A 49 2.09 10.79 -2.46
N VAL A 50 2.91 11.85 -2.45
CA VAL A 50 3.72 12.18 -3.62
C VAL A 50 4.76 11.10 -3.87
N TRP A 51 5.54 10.77 -2.83
CA TRP A 51 6.52 9.69 -2.93
C TRP A 51 5.93 8.42 -3.50
N ASP A 52 4.70 8.10 -3.10
CA ASP A 52 4.11 6.84 -3.51
C ASP A 52 3.72 6.84 -4.98
N ARG A 53 3.62 8.01 -5.61
CA ARG A 53 3.11 8.05 -6.97
C ARG A 53 4.21 8.42 -7.97
N MET A 54 5.44 8.55 -7.50
CA MET A 54 6.58 8.86 -8.35
C MET A 54 6.97 7.68 -9.25
N THR A 55 7.49 8.02 -10.41
CA THR A 55 8.03 7.04 -11.31
C THR A 55 9.46 6.68 -10.93
N PRO A 56 9.75 5.41 -10.65
CA PRO A 56 11.12 4.97 -10.34
C PRO A 56 12.13 5.46 -11.36
N MET A 57 13.27 5.98 -10.86
CA MET A 57 14.47 6.32 -11.63
C MET A 57 14.33 7.62 -12.43
N LEU A 58 13.22 8.35 -12.27
CA LEU A 58 13.04 9.64 -12.93
C LEU A 58 13.65 10.70 -12.03
N TRP A 59 14.45 11.59 -12.61
CA TRP A 59 15.09 12.63 -11.81
C TRP A 59 14.04 13.69 -11.47
N TYR A 60 13.86 13.95 -10.18
CA TYR A 60 12.93 14.94 -9.71
C TYR A 60 13.68 16.03 -8.96
N GLU A 61 13.07 17.20 -8.86
CA GLU A 61 13.73 18.29 -8.16
C GLU A 61 13.28 18.25 -6.71
N CYS A 62 14.09 17.68 -5.87
CA CYS A 62 13.56 17.42 -4.54
C CYS A 62 14.04 18.48 -3.57
N PRO A 63 13.15 19.01 -2.73
CA PRO A 63 13.58 19.95 -1.69
C PRO A 63 14.15 19.22 -0.48
N LEU A 64 15.20 19.77 0.08
CA LEU A 64 15.86 19.22 1.25
C LEU A 64 15.40 19.90 2.52
N GLY A 65 15.64 19.22 3.63
CA GLY A 65 15.33 19.71 4.95
C GLY A 65 15.96 18.82 5.99
N GLU A 66 15.72 19.19 7.27
CA GLU A 66 16.19 18.40 8.40
C GLU A 66 15.00 18.09 9.32
N CYS A 67 15.09 16.97 10.01
CA CYS A 67 13.97 16.58 10.86
C CYS A 67 14.01 17.38 12.15
N LYS A 68 12.84 17.85 12.57
CA LYS A 68 12.66 18.54 13.83
C LYS A 68 11.29 18.16 14.37
N ASN A 69 11.27 17.41 15.45
CA ASN A 69 10.04 17.10 16.16
C ASN A 69 9.06 16.43 15.19
N GLY A 70 9.57 15.50 14.39
CA GLY A 70 8.81 14.73 13.43
C GLY A 70 8.49 15.41 12.12
N VAL A 71 8.99 16.61 11.88
CA VAL A 71 8.70 17.39 10.69
C VAL A 71 9.99 17.67 9.92
N CYS A 72 9.94 17.50 8.61
CA CYS A 72 11.05 17.83 7.70
C CYS A 72 11.00 19.32 7.42
N GLU A 73 11.74 20.10 8.20
CA GLU A 73 11.76 21.55 8.06
C GLU A 73 12.58 21.97 6.85
N ASP A 74 11.97 22.72 5.94
CA ASP A 74 12.58 23.06 4.66
C ASP A 74 13.83 23.91 4.83
N LEU A 75 14.99 23.38 4.40
CA LEU A 75 16.25 24.12 4.40
C LEU A 75 16.40 25.05 3.19
N ARG A 76 15.33 25.30 2.46
CA ARG A 76 15.26 26.25 1.36
C ARG A 76 16.22 25.94 0.22
N LYS A 77 16.81 24.74 0.17
CA LYS A 77 17.66 24.33 -0.95
C LYS A 77 17.14 23.04 -1.58
N LYS A 78 17.53 22.83 -2.83
CA LYS A 78 17.06 21.73 -3.67
C LYS A 78 18.21 20.88 -4.20
N GLU A 79 17.89 19.70 -4.69
CA GLU A 79 18.81 18.82 -5.38
C GLU A 79 17.98 17.77 -6.13
N ASP A 80 18.54 17.25 -7.22
CA ASP A 80 17.82 16.23 -7.98
C ASP A 80 17.84 14.90 -7.24
N CYS A 81 16.71 14.20 -7.19
CA CYS A 81 16.70 12.90 -6.51
C CYS A 81 15.84 11.96 -7.33
N ARG A 82 15.96 10.67 -7.04
CA ARG A 82 15.20 9.68 -7.79
C ARG A 82 14.88 8.54 -6.84
N LYS A 83 13.86 7.78 -7.23
CA LYS A 83 13.30 6.68 -6.44
C LYS A 83 13.67 5.34 -7.06
N GLY A 84 13.96 4.39 -6.19
CA GLY A 84 14.29 3.03 -6.56
C GLY A 84 13.23 2.30 -7.35
N ASN A 85 13.52 1.08 -7.79
CA ASN A 85 12.61 0.33 -8.61
C ASN A 85 11.54 -0.43 -7.82
N TYR B 2 -22.66 16.42 -7.16
CA TYR B 2 -22.27 15.39 -8.12
C TYR B 2 -22.74 14.00 -7.69
N ASP B 3 -23.58 13.37 -8.52
CA ASP B 3 -24.06 12.02 -8.27
C ASP B 3 -23.13 11.03 -8.95
N TYR B 4 -22.28 10.37 -8.15
CA TYR B 4 -21.38 9.34 -8.62
C TYR B 4 -22.02 7.96 -8.67
N GLY B 5 -23.34 7.87 -8.68
CA GLY B 5 -24.00 6.57 -8.71
C GLY B 5 -23.96 5.87 -7.37
N THR B 6 -24.97 5.06 -7.09
CA THR B 6 -25.04 4.37 -5.82
C THR B 6 -24.33 3.02 -5.85
N ASP B 7 -23.69 2.69 -6.95
CA ASP B 7 -23.17 1.33 -7.06
C ASP B 7 -21.76 1.32 -7.64
N THR B 8 -21.04 2.43 -7.53
CA THR B 8 -19.73 2.58 -8.12
C THR B 8 -18.62 2.66 -7.08
N CYS B 9 -18.92 2.37 -5.81
CA CYS B 9 -17.90 2.31 -4.78
C CYS B 9 -17.22 0.94 -4.80
N PRO B 10 -15.95 0.89 -4.40
CA PRO B 10 -15.31 -0.42 -4.18
C PRO B 10 -15.95 -1.14 -3.01
N PHE B 11 -16.00 -2.47 -3.11
CA PHE B 11 -16.74 -3.34 -2.23
C PHE B 11 -15.76 -4.27 -1.53
N PRO B 12 -15.84 -4.44 -0.21
CA PRO B 12 -14.84 -5.26 0.50
C PRO B 12 -14.85 -6.69 -0.01
N VAL B 13 -13.67 -7.30 -0.06
CA VAL B 13 -13.55 -8.70 -0.47
C VAL B 13 -12.63 -9.42 0.50
N LEU B 14 -12.54 -10.73 0.31
CA LEU B 14 -11.58 -11.58 0.97
C LEU B 14 -11.06 -12.57 -0.07
N ALA B 15 -9.94 -13.21 0.24
CA ALA B 15 -9.32 -14.14 -0.69
C ALA B 15 -9.06 -15.47 0.00
N ASN B 16 -9.23 -16.55 -0.75
CA ASN B 16 -9.07 -17.91 -0.25
C ASN B 16 -7.69 -18.44 -0.64
N LYS B 17 -7.51 -19.76 -0.54
CA LYS B 17 -6.23 -20.39 -0.87
C LYS B 17 -5.91 -20.28 -2.35
N THR B 18 -6.92 -20.03 -3.19
CA THR B 18 -6.72 -19.86 -4.62
C THR B 18 -6.29 -18.44 -4.98
N ASN B 19 -6.27 -17.53 -4.01
CA ASN B 19 -6.01 -16.10 -4.21
C ASN B 19 -7.09 -15.43 -5.07
N LYS B 20 -8.21 -16.12 -5.29
CA LYS B 20 -9.36 -15.55 -5.96
C LYS B 20 -10.26 -14.89 -4.94
N ALA B 21 -10.77 -13.71 -5.28
CA ALA B 21 -11.52 -12.90 -4.32
C ALA B 21 -13.01 -13.18 -4.39
N LYS B 22 -13.67 -13.15 -3.24
CA LYS B 22 -15.12 -13.14 -3.18
C LYS B 22 -15.54 -12.00 -2.26
N PHE B 23 -16.77 -11.51 -2.48
CA PHE B 23 -17.26 -10.31 -1.83
C PHE B 23 -17.69 -10.58 -0.39
N VAL B 24 -17.71 -9.52 0.41
CA VAL B 24 -18.04 -9.59 1.83
C VAL B 24 -19.44 -9.04 2.02
N GLY B 25 -20.37 -9.91 2.36
CA GLY B 25 -21.77 -9.49 2.40
C GLY B 25 -22.28 -9.19 1.00
N CYS B 26 -23.52 -8.70 0.95
CA CYS B 26 -24.16 -8.42 -0.33
C CYS B 26 -24.68 -7.00 -0.43
N HIS B 27 -24.39 -6.16 0.56
CA HIS B 27 -24.90 -4.80 0.60
C HIS B 27 -23.95 -3.93 1.41
N GLN B 28 -23.74 -2.70 0.93
CA GLN B 28 -23.12 -1.66 1.74
C GLN B 28 -23.71 -0.33 1.31
N LYS B 29 -23.51 0.68 2.13
CA LYS B 29 -23.88 2.03 1.75
C LYS B 29 -22.84 2.59 0.77
N CYS B 30 -23.31 3.23 -0.30
CA CYS B 30 -22.42 3.77 -1.34
C CYS B 30 -23.01 5.07 -1.84
N ASN B 31 -22.33 6.18 -1.59
CA ASN B 31 -22.78 7.51 -2.02
C ASN B 31 -24.20 7.81 -1.53
N GLY B 32 -24.49 7.39 -0.29
CA GLY B 32 -25.79 7.65 0.27
C GLY B 32 -26.92 6.82 -0.31
N GLY B 33 -26.61 5.74 -1.00
CA GLY B 33 -27.66 4.83 -1.46
C GLY B 33 -27.40 3.43 -0.96
N ASP B 34 -28.15 2.47 -1.47
CA ASP B 34 -27.99 1.08 -1.07
C ASP B 34 -27.39 0.31 -2.24
N GLN B 35 -26.10 0.03 -2.17
CA GLN B 35 -25.45 -0.75 -3.21
C GLN B 35 -25.66 -2.23 -2.90
N LYS B 36 -26.28 -2.96 -3.82
CA LYS B 36 -26.63 -4.36 -3.60
C LYS B 36 -26.11 -5.21 -4.74
N LEU B 37 -25.50 -6.34 -4.39
CA LEU B 37 -24.95 -7.24 -5.39
C LEU B 37 -26.10 -8.07 -5.98
N THR B 38 -25.91 -8.57 -7.21
CA THR B 38 -26.98 -9.32 -7.85
C THR B 38 -27.23 -10.60 -7.06
N ASP B 39 -28.45 -11.11 -7.18
CA ASP B 39 -28.72 -12.40 -6.58
C ASP B 39 -27.80 -13.44 -7.20
N GLY B 40 -27.29 -14.34 -6.36
CA GLY B 40 -26.43 -15.41 -6.82
C GLY B 40 -24.94 -15.15 -6.74
N THR B 41 -24.53 -13.89 -6.58
CA THR B 41 -23.10 -13.60 -6.45
C THR B 41 -22.50 -14.28 -5.22
N ALA B 42 -21.36 -14.93 -5.43
CA ALA B 42 -20.65 -15.54 -4.31
C ALA B 42 -20.18 -14.48 -3.33
N CYS B 43 -20.33 -14.78 -2.04
CA CYS B 43 -19.97 -13.84 -0.99
C CYS B 43 -19.62 -14.60 0.28
N TYR B 44 -18.91 -13.91 1.17
CA TYR B 44 -18.63 -14.42 2.51
C TYR B 44 -19.62 -13.78 3.47
N VAL B 45 -20.28 -14.61 4.26
CA VAL B 45 -21.28 -14.13 5.21
C VAL B 45 -20.57 -13.54 6.43
N VAL B 46 -20.12 -12.30 6.29
CA VAL B 46 -19.41 -11.57 7.34
C VAL B 46 -19.94 -10.13 7.42
N GLU B 47 -20.86 -9.87 8.39
CA GLU B 47 -20.60 -8.91 9.46
C GLU B 47 -19.42 -7.95 9.15
N ARG B 48 -19.72 -6.73 8.62
CA ARG B 48 -18.70 -5.85 8.01
C ARG B 48 -17.77 -5.25 9.05
N LYS B 49 -18.31 -4.93 10.23
CA LYS B 49 -17.49 -4.43 11.32
C LYS B 49 -16.44 -5.45 11.73
N VAL B 50 -16.73 -6.74 11.59
CA VAL B 50 -15.70 -7.75 11.81
C VAL B 50 -14.63 -7.63 10.73
N TRP B 51 -15.05 -7.59 9.46
CA TRP B 51 -14.12 -7.37 8.36
C TRP B 51 -13.22 -6.18 8.63
N ASP B 52 -13.76 -5.13 9.24
CA ASP B 52 -12.97 -3.92 9.44
C ASP B 52 -11.83 -4.13 10.43
N ARG B 53 -11.89 -5.18 11.24
CA ARG B 53 -10.92 -5.41 12.31
C ARG B 53 -10.10 -6.68 12.09
N MET B 54 -10.25 -7.35 10.96
CA MET B 54 -9.50 -8.57 10.73
C MET B 54 -8.02 -8.26 10.57
N THR B 55 -7.19 -9.22 10.97
CA THR B 55 -5.75 -9.05 10.85
C THR B 55 -5.36 -9.28 9.40
N PRO B 56 -4.76 -8.30 8.73
CA PRO B 56 -4.29 -8.52 7.36
C PRO B 56 -3.39 -9.75 7.27
N MET B 57 -3.71 -10.61 6.30
CA MET B 57 -2.96 -11.77 5.84
C MET B 57 -3.07 -12.95 6.80
N LEU B 58 -3.91 -12.87 7.84
CA LEU B 58 -4.15 -14.02 8.70
C LEU B 58 -5.33 -14.83 8.19
N TRP B 59 -5.13 -16.15 8.15
CA TRP B 59 -6.12 -17.10 7.68
C TRP B 59 -7.21 -17.28 8.72
N TYR B 60 -8.46 -17.03 8.32
CA TYR B 60 -9.63 -17.33 9.13
C TYR B 60 -10.49 -18.32 8.34
N GLU B 61 -11.29 -19.12 9.06
CA GLU B 61 -12.19 -20.09 8.45
C GLU B 61 -13.60 -19.48 8.40
N CYS B 62 -13.99 -18.94 7.19
CA CYS B 62 -15.19 -18.14 6.99
C CYS B 62 -16.31 -18.99 6.42
N PRO B 63 -17.54 -18.71 6.81
CA PRO B 63 -18.67 -19.36 6.14
C PRO B 63 -18.95 -18.69 4.81
N LEU B 64 -19.34 -19.50 3.83
CA LEU B 64 -19.65 -19.05 2.48
C LEU B 64 -21.15 -18.78 2.33
N GLY B 65 -21.51 -18.11 1.23
CA GLY B 65 -22.92 -17.85 0.96
C GLY B 65 -23.13 -17.30 -0.42
N GLU B 66 -24.41 -17.10 -0.75
CA GLU B 66 -24.83 -16.52 -2.02
C GLU B 66 -25.73 -15.32 -1.75
N CYS B 67 -25.74 -14.39 -2.69
CA CYS B 67 -26.50 -13.15 -2.51
C CYS B 67 -27.97 -13.38 -2.85
N LYS B 68 -28.84 -12.85 -2.00
CA LYS B 68 -30.29 -12.86 -2.23
C LYS B 68 -30.86 -11.60 -1.60
N ASN B 69 -31.33 -10.67 -2.44
CA ASN B 69 -31.99 -9.46 -1.95
C ASN B 69 -31.09 -8.70 -0.97
N GLY B 70 -29.81 -8.60 -1.34
CA GLY B 70 -28.86 -7.88 -0.52
C GLY B 70 -28.35 -8.62 0.69
N VAL B 71 -28.71 -9.90 0.86
CA VAL B 71 -28.32 -10.68 2.03
C VAL B 71 -27.49 -11.87 1.54
N CYS B 72 -26.34 -12.07 2.17
CA CYS B 72 -25.49 -13.22 1.85
C CYS B 72 -26.04 -14.40 2.62
N GLU B 73 -26.89 -15.18 1.97
CA GLU B 73 -27.57 -16.30 2.62
C GLU B 73 -26.57 -17.43 2.87
N ASP B 74 -26.45 -17.85 4.12
CA ASP B 74 -25.42 -18.81 4.53
C ASP B 74 -25.58 -20.13 3.79
N LEU B 75 -24.58 -20.46 2.96
CA LEU B 75 -24.55 -21.71 2.22
C LEU B 75 -24.00 -22.89 3.02
N ARG B 76 -23.90 -22.74 4.35
CA ARG B 76 -23.56 -23.81 5.30
C ARG B 76 -22.19 -24.40 5.07
N LYS B 77 -21.34 -23.76 4.26
CA LYS B 77 -20.01 -24.28 4.01
C LYS B 77 -18.97 -23.28 4.48
N LYS B 78 -17.77 -23.78 4.75
CA LYS B 78 -16.69 -22.98 5.30
C LYS B 78 -15.50 -23.03 4.35
N GLU B 79 -14.59 -22.06 4.50
CA GLU B 79 -13.42 -21.97 3.63
C GLU B 79 -12.38 -21.02 4.25
N ASP B 80 -11.12 -21.23 3.87
CA ASP B 80 -10.01 -20.42 4.38
C ASP B 80 -10.06 -19.01 3.79
N CYS B 81 -9.82 -18.01 4.65
CA CYS B 81 -9.96 -16.61 4.27
C CYS B 81 -8.76 -15.79 4.66
N ARG B 82 -8.60 -14.68 3.97
CA ARG B 82 -7.49 -13.79 4.22
C ARG B 82 -7.90 -12.41 3.73
N LYS B 83 -7.44 -11.37 4.42
CA LYS B 83 -7.82 -10.01 4.09
C LYS B 83 -6.70 -9.23 3.42
N GLY B 84 -5.57 -9.08 4.11
CA GLY B 84 -4.41 -8.42 3.53
C GLY B 84 -4.53 -6.94 3.33
N ASN B 85 -3.40 -6.35 2.95
CA ASN B 85 -3.29 -4.92 2.78
C ASN B 85 -2.24 -4.66 1.71
N SER C 6 0.46 -9.89 -3.02
CA SER C 6 -0.40 -8.75 -2.65
C SER C 6 -1.86 -8.98 -3.04
N ILE C 7 -2.72 -8.98 -2.03
CA ILE C 7 -4.16 -9.27 -2.17
C ILE C 7 -4.96 -8.00 -1.95
N PRO C 8 -5.94 -7.69 -2.81
CA PRO C 8 -6.69 -6.44 -2.67
C PRO C 8 -7.69 -6.49 -1.51
N ILE C 9 -7.93 -5.33 -0.90
CA ILE C 9 -8.91 -5.28 0.16
C ILE C 9 -10.32 -5.07 -0.41
N THR C 10 -10.42 -4.43 -1.58
CA THR C 10 -11.68 -4.14 -2.24
C THR C 10 -11.62 -4.48 -3.71
N CYS C 11 -12.77 -4.80 -4.28
CA CYS C 11 -12.94 -4.97 -5.72
C CYS C 11 -14.14 -4.17 -6.20
N CYS C 12 -14.14 -3.88 -7.49
CA CYS C 12 -15.24 -3.17 -8.09
C CYS C 12 -16.28 -4.17 -8.56
N PHE C 13 -17.55 -3.88 -8.27
CA PHE C 13 -18.63 -4.72 -8.75
C PHE C 13 -19.37 -4.11 -9.93
N ASN C 14 -19.45 -2.80 -10.00
CA ASN C 14 -20.06 -2.15 -11.13
C ASN C 14 -19.35 -0.80 -11.32
N VAL C 15 -19.34 -0.22 -12.53
CA VAL C 15 -18.54 0.98 -12.79
C VAL C 15 -19.44 2.16 -13.17
N ILE C 16 -18.84 3.35 -13.22
CA ILE C 16 -19.61 4.57 -13.48
C ILE C 16 -19.92 4.70 -14.96
N ASN C 17 -20.99 5.43 -15.26
CA ASN C 17 -21.54 5.55 -16.60
C ASN C 17 -21.23 6.87 -17.31
N LYS C 18 -20.77 7.89 -16.59
CA LYS C 18 -20.44 9.17 -17.20
C LYS C 18 -19.06 9.61 -16.76
N LYS C 19 -18.43 10.46 -17.58
CA LYS C 19 -17.11 10.98 -17.27
C LYS C 19 -17.11 11.69 -15.91
N ILE C 20 -16.04 11.52 -15.15
CA ILE C 20 -15.90 12.23 -13.88
C ILE C 20 -15.34 13.60 -14.22
N PRO C 21 -15.84 14.69 -13.62
CA PRO C 21 -15.27 16.01 -13.90
C PRO C 21 -13.79 16.02 -13.59
N LYS C 22 -13.01 16.44 -14.58
CA LYS C 22 -11.57 16.22 -14.54
C LYS C 22 -10.91 16.86 -13.32
N GLN C 23 -11.25 18.12 -13.05
CA GLN C 23 -10.63 18.82 -11.93
C GLN C 23 -10.92 18.15 -10.58
N ARG C 24 -11.88 17.23 -10.52
CA ARG C 24 -12.21 16.57 -9.27
C ARG C 24 -11.17 15.53 -8.85
N LEU C 25 -10.36 15.05 -9.79
CA LEU C 25 -9.54 13.85 -9.60
C LEU C 25 -8.31 14.11 -8.74
N GLU C 26 -7.98 13.15 -7.89
CA GLU C 26 -6.79 13.20 -7.06
C GLU C 26 -5.76 12.13 -7.40
N SER C 27 -6.18 10.91 -7.68
CA SER C 27 -5.25 9.81 -7.90
C SER C 27 -6.02 8.69 -8.59
N TYR C 28 -5.30 7.62 -8.94
CA TYR C 28 -5.97 6.41 -9.40
C TYR C 28 -5.21 5.18 -8.92
N ARG C 29 -5.87 4.05 -9.08
CA ARG C 29 -5.30 2.75 -8.84
C ARG C 29 -5.93 1.81 -9.84
N ARG C 30 -5.16 0.84 -10.29
CA ARG C 30 -5.66 -0.11 -11.26
C ARG C 30 -5.79 -1.39 -10.47
N THR C 31 -6.97 -1.99 -10.51
CA THR C 31 -7.37 -2.99 -9.54
C THR C 31 -6.38 -4.14 -9.54
N THR C 32 -6.26 -4.80 -8.39
CA THR C 32 -5.29 -5.87 -8.29
C THR C 32 -5.69 -6.86 -9.36
N SER C 33 -4.83 -6.99 -10.39
CA SER C 33 -5.25 -7.54 -11.66
C SER C 33 -5.80 -8.92 -11.46
N SER C 34 -7.12 -8.98 -11.64
CA SER C 34 -7.95 -10.17 -11.66
C SER C 34 -7.34 -11.21 -10.76
N HIS C 35 -7.02 -10.77 -9.53
CA HIS C 35 -7.38 -11.39 -8.26
C HIS C 35 -8.85 -11.10 -7.95
N CYS C 36 -9.31 -9.91 -8.36
CA CYS C 36 -10.68 -9.45 -8.35
C CYS C 36 -11.42 -10.05 -9.53
N PRO C 37 -12.73 -10.23 -9.41
CA PRO C 37 -13.49 -10.86 -10.51
C PRO C 37 -13.37 -10.12 -11.84
N ARG C 38 -13.16 -8.81 -11.85
CA ARG C 38 -13.02 -8.10 -13.11
C ARG C 38 -12.03 -6.96 -12.93
N GLU C 39 -11.20 -6.73 -13.95
CA GLU C 39 -10.20 -5.66 -13.87
C GLU C 39 -10.90 -4.31 -14.01
N ALA C 40 -10.51 -3.36 -13.17
CA ALA C 40 -11.14 -2.05 -13.15
C ALA C 40 -10.13 -0.99 -12.70
N VAL C 41 -10.58 0.26 -12.74
CA VAL C 41 -9.81 1.40 -12.30
C VAL C 41 -10.57 2.11 -11.18
N ILE C 42 -9.87 2.41 -10.09
CA ILE C 42 -10.46 3.04 -8.93
C ILE C 42 -9.88 4.45 -8.86
N PHE C 43 -10.66 5.43 -9.31
CA PHE C 43 -10.31 6.83 -9.11
C PHE C 43 -10.62 7.25 -7.68
N LYS C 44 -9.77 8.10 -7.13
CA LYS C 44 -9.96 8.69 -5.82
C LYS C 44 -10.10 10.19 -5.99
N THR C 45 -11.19 10.75 -5.47
CA THR C 45 -11.43 12.17 -5.69
C THR C 45 -10.72 13.01 -4.63
N LYS C 46 -10.62 14.30 -4.94
CA LYS C 46 -10.04 15.28 -4.02
C LYS C 46 -10.84 15.39 -2.74
N LEU C 47 -12.09 14.97 -2.78
CA LEU C 47 -12.95 14.80 -1.61
C LEU C 47 -12.80 13.41 -1.01
N ASP C 48 -11.76 12.68 -1.43
CA ASP C 48 -11.36 11.39 -0.88
C ASP C 48 -12.43 10.32 -1.06
N LYS C 49 -13.24 10.48 -2.11
CA LYS C 49 -14.27 9.54 -2.49
C LYS C 49 -13.75 8.65 -3.62
N GLU C 50 -14.10 7.36 -3.58
CA GLU C 50 -13.53 6.38 -4.51
C GLU C 50 -14.60 5.96 -5.52
N ILE C 51 -14.22 5.95 -6.79
CA ILE C 51 -15.13 5.69 -7.89
C ILE C 51 -14.55 4.61 -8.80
N CYS C 52 -15.36 3.60 -9.10
CA CYS C 52 -14.95 2.54 -10.00
C CYS C 52 -15.15 2.98 -11.44
N ALA C 53 -14.20 2.64 -12.31
CA ALA C 53 -14.23 3.05 -13.71
C ALA C 53 -13.77 1.91 -14.61
N ASP C 54 -14.28 1.92 -15.84
CA ASP C 54 -13.98 0.91 -16.85
C ASP C 54 -12.64 1.23 -17.51
N PRO C 55 -11.64 0.35 -17.46
CA PRO C 55 -10.33 0.71 -18.01
C PRO C 55 -10.32 0.76 -19.52
N THR C 56 -11.38 0.29 -20.19
CA THR C 56 -11.42 0.27 -21.64
C THR C 56 -11.94 1.55 -22.26
N GLN C 57 -12.61 2.40 -21.48
CA GLN C 57 -13.14 3.65 -22.01
C GLN C 57 -12.01 4.64 -22.30
N LYS C 58 -12.14 5.36 -23.42
CA LYS C 58 -11.13 6.34 -23.77
C LYS C 58 -10.90 7.34 -22.62
N TRP C 59 -12.00 7.87 -22.01
CA TRP C 59 -11.85 8.95 -21.03
C TRP C 59 -11.17 8.48 -19.76
N VAL C 60 -11.36 7.20 -19.39
CA VAL C 60 -10.62 6.65 -18.26
C VAL C 60 -9.13 6.65 -18.56
N GLN C 61 -8.78 6.15 -19.73
CA GLN C 61 -7.38 6.07 -20.11
C GLN C 61 -6.75 7.46 -20.18
N ASP C 62 -7.48 8.43 -20.73
CA ASP C 62 -6.94 9.80 -20.74
C ASP C 62 -6.65 10.27 -19.33
N PHE C 63 -7.63 10.14 -18.43
CA PHE C 63 -7.47 10.63 -17.06
C PHE C 63 -6.31 9.94 -16.36
N MET C 64 -6.23 8.61 -16.47
CA MET C 64 -5.07 7.92 -15.90
C MET C 64 -3.78 8.43 -16.52
N LYS C 65 -3.79 8.73 -17.82
CA LYS C 65 -2.59 9.33 -18.40
C LYS C 65 -2.38 10.75 -17.89
N HIS C 66 -3.46 11.54 -17.79
CA HIS C 66 -3.32 12.88 -17.25
C HIS C 66 -2.66 12.87 -15.87
N LEU C 67 -3.08 11.94 -15.02
CA LEU C 67 -2.55 11.90 -13.65
C LEU C 67 -1.10 11.40 -13.66
N ASP C 68 -0.77 10.50 -14.57
CA ASP C 68 0.62 10.08 -14.72
C ASP C 68 1.48 11.26 -15.14
N LYS C 69 1.10 11.91 -16.24
CA LYS C 69 1.99 12.92 -16.79
C LYS C 69 2.21 14.04 -15.81
N LYS C 70 1.29 14.24 -14.89
CA LYS C 70 1.41 15.34 -13.96
C LYS C 70 2.37 14.97 -12.82
N THR C 71 2.42 13.69 -12.44
CA THR C 71 3.44 13.21 -11.49
C THR C 71 4.81 12.95 -12.14
N GLN C 72 4.94 13.16 -13.44
CA GLN C 72 6.18 12.91 -14.14
C GLN C 72 6.94 14.18 -14.51
N THR C 73 6.49 15.32 -14.02
CA THR C 73 7.17 16.58 -14.18
C THR C 73 8.27 16.70 -13.13
N PRO C 74 9.42 17.25 -13.51
CA PRO C 74 10.58 17.32 -12.60
C PRO C 74 10.28 18.10 -11.34
N LYS C 75 9.56 19.20 -11.46
CA LYS C 75 9.15 20.03 -10.33
C LYS C 75 8.10 19.31 -9.48
N LEU C 76 8.25 19.46 -8.16
CA LEU C 76 7.42 18.79 -7.19
C LEU C 76 7.49 17.25 -7.28
N GLN D 1 22.68 7.35 -21.21
CA GLN D 1 22.05 6.05 -20.89
C GLN D 1 20.72 6.10 -20.18
N PRO D 2 20.19 4.87 -19.86
CA PRO D 2 19.38 4.66 -18.65
C PRO D 2 20.19 3.97 -17.54
N ASP D 3 20.24 4.58 -16.35
CA ASP D 3 21.11 4.11 -15.28
C ASP D 3 20.69 2.74 -14.76
N SER D 4 21.67 1.86 -14.53
CA SER D 4 21.40 0.52 -14.04
C SER D 4 21.76 0.31 -12.55
N VAL D 5 22.15 1.35 -11.82
CA VAL D 5 22.29 1.18 -10.39
C VAL D 5 20.93 0.86 -9.74
N SER D 6 20.98 0.07 -8.68
CA SER D 6 19.78 -0.28 -7.93
C SER D 6 19.70 0.60 -6.68
N ILE D 7 18.65 1.38 -6.59
CA ILE D 7 18.44 2.33 -5.49
C ILE D 7 17.39 1.75 -4.56
N PRO D 8 17.62 1.72 -3.24
CA PRO D 8 16.61 1.13 -2.35
C PRO D 8 15.42 2.07 -2.22
N ILE D 9 14.24 1.47 -2.05
CA ILE D 9 13.04 2.28 -1.83
C ILE D 9 12.90 2.61 -0.35
N THR D 10 13.37 1.74 0.52
CA THR D 10 13.32 1.97 1.95
C THR D 10 14.67 1.65 2.54
N CYS D 11 14.97 2.32 3.65
CA CYS D 11 16.12 2.07 4.49
C CYS D 11 15.63 1.94 5.92
N CYS D 12 16.45 1.32 6.76
CA CYS D 12 16.17 1.16 8.18
C CYS D 12 16.77 2.30 8.97
N PHE D 13 16.03 2.78 9.98
CA PHE D 13 16.53 3.77 10.93
C PHE D 13 16.77 3.20 12.32
N ASN D 14 15.98 2.22 12.74
CA ASN D 14 16.10 1.55 14.03
C ASN D 14 15.79 0.08 13.82
N VAL D 15 16.32 -0.77 14.69
CA VAL D 15 16.20 -2.21 14.57
C VAL D 15 15.52 -2.80 15.80
N ILE D 16 15.22 -4.10 15.72
CA ILE D 16 14.43 -4.81 16.72
C ILE D 16 15.24 -5.04 18.00
N ASN D 17 14.54 -5.27 19.12
CA ASN D 17 15.20 -5.31 20.42
C ASN D 17 15.58 -6.71 20.88
N LYS D 18 14.78 -7.72 20.52
CA LYS D 18 15.05 -9.10 20.89
C LYS D 18 14.88 -9.98 19.66
N LYS D 19 15.55 -11.13 19.67
CA LYS D 19 15.46 -12.05 18.54
C LYS D 19 13.99 -12.39 18.27
N ILE D 20 13.65 -12.50 16.98
CA ILE D 20 12.29 -12.82 16.56
C ILE D 20 12.09 -14.33 16.54
N PRO D 21 10.98 -14.84 17.06
CA PRO D 21 10.72 -16.29 17.00
C PRO D 21 10.73 -16.82 15.58
N LYS D 22 11.48 -17.91 15.38
CA LYS D 22 11.70 -18.43 14.03
C LYS D 22 10.37 -18.75 13.34
N GLN D 23 9.39 -19.28 14.10
CA GLN D 23 8.13 -19.69 13.49
C GLN D 23 7.41 -18.55 12.77
N ARG D 24 7.71 -17.29 13.11
CA ARG D 24 7.14 -16.14 12.41
C ARG D 24 7.82 -15.83 11.08
N LEU D 25 9.11 -16.14 10.95
CA LEU D 25 9.90 -15.54 9.87
C LEU D 25 9.62 -16.20 8.53
N GLU D 26 9.45 -15.35 7.51
CA GLU D 26 9.13 -15.82 6.17
C GLU D 26 10.22 -15.54 5.13
N SER D 27 10.94 -14.41 5.24
CA SER D 27 11.89 -14.00 4.21
C SER D 27 12.86 -12.99 4.82
N TYR D 28 13.88 -12.61 4.04
CA TYR D 28 14.72 -11.48 4.43
C TYR D 28 15.18 -10.71 3.20
N ARG D 29 15.61 -9.48 3.45
CA ARG D 29 16.35 -8.69 2.46
C ARG D 29 17.36 -7.84 3.22
N ARG D 30 18.46 -7.53 2.55
CA ARG D 30 19.61 -6.85 3.13
C ARG D 30 19.78 -5.45 2.55
N THR D 31 20.06 -4.48 3.43
CA THR D 31 20.15 -3.07 3.07
C THR D 31 21.61 -2.66 3.14
N THR D 32 22.16 -2.21 2.02
CA THR D 32 23.57 -1.87 1.91
C THR D 32 23.87 -0.44 2.36
N SER D 33 24.85 -0.30 3.26
CA SER D 33 25.33 1.02 3.69
C SER D 33 25.93 1.81 2.53
N SER D 34 26.09 1.17 1.37
CA SER D 34 26.56 1.88 0.19
C SER D 34 25.53 2.89 -0.32
N HIS D 35 24.23 2.60 -0.12
CA HIS D 35 23.12 3.48 -0.46
C HIS D 35 22.27 3.93 0.71
N CYS D 36 22.00 3.05 1.66
CA CYS D 36 21.26 3.37 2.86
C CYS D 36 22.18 4.00 3.90
N PRO D 37 21.65 4.87 4.76
CA PRO D 37 22.52 5.52 5.76
C PRO D 37 23.18 4.55 6.73
N ARG D 38 22.57 3.40 7.00
CA ARG D 38 23.19 2.39 7.83
C ARG D 38 22.75 1.03 7.30
N GLU D 39 23.66 0.06 7.33
CA GLU D 39 23.35 -1.26 6.80
C GLU D 39 22.47 -2.05 7.76
N ALA D 40 21.45 -2.70 7.22
CA ALA D 40 20.54 -3.46 8.05
C ALA D 40 19.99 -4.65 7.27
N VAL D 41 19.31 -5.52 8.01
CA VAL D 41 18.67 -6.71 7.47
C VAL D 41 17.19 -6.60 7.77
N ILE D 42 16.36 -6.80 6.75
CA ILE D 42 14.92 -6.58 6.85
C ILE D 42 14.22 -7.92 6.75
N PHE D 43 13.81 -8.48 7.88
CA PHE D 43 13.02 -9.69 7.88
C PHE D 43 11.56 -9.41 7.53
N LYS D 44 10.97 -10.31 6.77
CA LYS D 44 9.57 -10.24 6.37
C LYS D 44 8.82 -11.39 7.01
N THR D 45 7.78 -11.07 7.79
CA THR D 45 7.07 -12.08 8.57
C THR D 45 5.99 -12.77 7.73
N LYS D 46 5.43 -13.84 8.30
CA LYS D 46 4.37 -14.57 7.63
C LYS D 46 3.13 -13.71 7.42
N LEU D 47 2.98 -12.61 8.16
CA LEU D 47 1.95 -11.63 7.85
C LEU D 47 2.43 -10.52 6.94
N ASP D 48 3.58 -10.70 6.28
CA ASP D 48 4.12 -9.74 5.30
C ASP D 48 4.41 -8.38 5.94
N LYS D 49 4.75 -8.37 7.22
CA LYS D 49 5.24 -7.19 7.91
C LYS D 49 6.78 -7.24 8.02
N GLU D 50 7.41 -6.08 7.86
CA GLU D 50 8.86 -6.00 7.69
C GLU D 50 9.51 -5.42 8.93
N ILE D 51 10.60 -6.04 9.37
CA ILE D 51 11.25 -5.69 10.63
C ILE D 51 12.74 -5.46 10.36
N CYS D 52 13.24 -4.33 10.86
CA CYS D 52 14.64 -4.00 10.73
C CYS D 52 15.46 -4.69 11.81
N ALA D 53 16.65 -5.20 11.43
CA ALA D 53 17.52 -5.97 12.31
C ALA D 53 18.98 -5.60 12.09
N ASP D 54 19.77 -5.72 13.16
CA ASP D 54 21.20 -5.37 13.14
C ASP D 54 22.02 -6.51 12.53
N PRO D 55 22.80 -6.26 11.49
CA PRO D 55 23.55 -7.35 10.85
C PRO D 55 24.68 -7.91 11.71
N THR D 56 25.02 -7.24 12.82
CA THR D 56 26.08 -7.74 13.69
C THR D 56 25.54 -8.66 14.79
N GLN D 57 24.24 -8.63 15.08
CA GLN D 57 23.73 -9.51 16.12
C GLN D 57 23.81 -10.96 15.65
N LYS D 58 24.24 -11.84 16.56
CA LYS D 58 24.44 -13.24 16.23
C LYS D 58 23.17 -13.87 15.64
N TRP D 59 22.04 -13.64 16.29
CA TRP D 59 20.81 -14.34 15.92
C TRP D 59 20.34 -14.00 14.51
N VAL D 60 20.65 -12.78 14.04
CA VAL D 60 20.34 -12.42 12.65
C VAL D 60 21.09 -13.32 11.68
N GLN D 61 22.40 -13.47 11.90
CA GLN D 61 23.22 -14.27 10.99
C GLN D 61 22.75 -15.73 10.95
N ASP D 62 22.38 -16.28 12.11
CA ASP D 62 21.81 -17.62 12.16
C ASP D 62 20.54 -17.71 11.32
N PHE D 63 19.58 -16.81 11.58
CA PHE D 63 18.31 -16.90 10.87
C PHE D 63 18.48 -16.71 9.36
N MET D 64 19.10 -15.63 8.91
CA MET D 64 19.24 -15.48 7.46
C MET D 64 20.01 -16.65 6.84
N LYS D 65 20.88 -17.26 7.62
CA LYS D 65 21.49 -18.50 7.15
C LYS D 65 20.46 -19.60 7.09
N HIS D 66 19.59 -19.66 8.11
CA HIS D 66 18.48 -20.61 8.17
C HIS D 66 17.59 -20.52 6.93
N LEU D 67 17.29 -19.30 6.48
CA LEU D 67 16.40 -19.08 5.35
C LEU D 67 17.02 -19.34 3.96
N ASP D 68 18.05 -20.17 3.88
CA ASP D 68 18.63 -20.53 2.58
C ASP D 68 18.70 -22.03 2.35
#